data_3C5V
#
_entry.id   3C5V
#
_cell.length_a   82.512
_cell.length_b   82.512
_cell.length_c   90.843
_cell.angle_alpha   90.00
_cell.angle_beta   90.00
_cell.angle_gamma   120.00
#
_symmetry.space_group_name_H-M   'P 31 2 1'
#
loop_
_entity.id
_entity.type
_entity.pdbx_description
1 polymer 'Protein phosphatase methylesterase 1'
2 water water
#
_entity_poly.entity_id   1
_entity_poly.type   'polypeptide(L)'
_entity_poly.pdbx_seq_one_letter_code
;RDFSPVPWSQYFESMEDVEVENETGKDTFRVYKSGSEGPVLLLLHGGGHSALSWAVFTAAIISRVQCRIVALDLRSHGET
KVKNPEDLSAETMAKDVGNVVEAMYGDLPPPIMLIGHSMGGAIAVHTASSNLVPSLLGLCMIDVVEGTAMDALNSMQNFL
RGRPKTFKSLENAIEWSVKSGQIRNLESARVSMVGQVKQCEGITSPEGSKKDHPYTWRIELAKTEKYWDGWFRGLSNLFL
SCPIPKLLLLAGVDRLDKDLTIGQMQGKFQMQVLPQCGHAVHEDAPDKVAEAVATFLIRHRFAEPIGGFQCVFPGC
;
_entity_poly.pdbx_strand_id   A
#
# COMPACT_ATOMS: atom_id res chain seq x y z
N ARG A 1 -13.77 24.26 7.19
CA ARG A 1 -13.20 22.97 7.66
C ARG A 1 -11.74 23.15 8.08
N ASP A 2 -11.24 22.22 8.89
CA ASP A 2 -9.85 22.27 9.37
C ASP A 2 -8.96 21.38 8.48
N PHE A 3 -8.01 22.01 7.81
CA PHE A 3 -7.09 21.31 6.90
C PHE A 3 -5.65 21.19 7.42
N SER A 4 -5.45 21.53 8.69
CA SER A 4 -4.12 21.46 9.30
C SER A 4 -3.63 20.01 9.36
N PRO A 5 -2.32 19.81 9.27
CA PRO A 5 -1.67 18.50 9.30
C PRO A 5 -1.89 17.74 10.61
N VAL A 6 -2.07 16.44 10.48
CA VAL A 6 -2.26 15.56 11.63
C VAL A 6 -1.08 14.57 11.58
N PRO A 7 -0.35 14.42 12.70
CA PRO A 7 0.80 13.51 12.75
C PRO A 7 0.48 12.01 12.81
N TRP A 8 1.45 11.22 12.38
CA TRP A 8 1.32 9.77 12.37
C TRP A 8 0.93 9.20 13.73
N SER A 9 1.37 9.85 14.79
CA SER A 9 1.12 9.37 16.14
C SER A 9 -0.35 9.38 16.58
N GLN A 10 -1.20 10.02 15.80
CA GLN A 10 -2.63 10.03 16.14
C GLN A 10 -3.24 8.71 15.68
N TYR A 11 -2.50 7.97 14.85
CA TYR A 11 -3.00 6.71 14.31
C TYR A 11 -2.15 5.47 14.57
N PHE A 12 -0.82 5.64 14.58
CA PHE A 12 0.09 4.52 14.82
C PHE A 12 0.71 4.64 16.21
N GLU A 13 0.96 3.50 16.86
CA GLU A 13 1.55 3.50 18.20
C GLU A 13 3.04 3.85 18.16
N SER A 14 3.72 3.48 17.08
CA SER A 14 5.14 3.78 16.97
C SER A 14 5.59 3.81 15.53
N MET A 15 6.82 4.25 15.32
CA MET A 15 7.38 4.31 13.98
C MET A 15 8.86 3.96 14.13
N GLU A 16 9.45 3.46 13.05
CA GLU A 16 10.85 3.08 13.10
C GLU A 16 11.48 3.25 11.72
N ASP A 17 12.79 3.46 11.72
CA ASP A 17 13.53 3.58 10.49
C ASP A 17 14.36 2.30 10.49
N VAL A 18 13.92 1.32 9.70
CA VAL A 18 14.58 0.03 9.62
C VAL A 18 15.81 0.02 8.73
N GLU A 19 16.96 -0.29 9.31
CA GLU A 19 18.20 -0.33 8.57
C GLU A 19 18.33 -1.63 7.80
N VAL A 20 18.73 -1.52 6.53
CA VAL A 20 18.92 -2.69 5.69
C VAL A 20 20.21 -2.50 4.91
N GLU A 21 21.09 -3.49 4.96
CA GLU A 21 22.35 -3.42 4.25
C GLU A 21 22.23 -4.34 3.02
N ASN A 22 22.08 -3.73 1.84
CA ASN A 22 21.94 -4.51 0.64
C ASN A 22 23.10 -4.32 -0.34
N GLU A 23 22.98 -4.99 -1.49
CA GLU A 23 23.98 -4.96 -2.55
C GLU A 23 24.49 -3.55 -2.88
N THR A 24 23.62 -2.55 -2.79
CA THR A 24 24.02 -1.17 -3.09
C THR A 24 24.48 -0.40 -1.86
N GLY A 25 24.54 -1.07 -0.72
CA GLY A 25 24.99 -0.40 0.49
C GLY A 25 24.06 -0.54 1.68
N LYS A 26 23.86 0.56 2.41
CA LYS A 26 23.01 0.57 3.59
C LYS A 26 21.82 1.50 3.44
N ASP A 27 20.63 0.92 3.39
CA ASP A 27 19.40 1.71 3.23
C ASP A 27 18.57 1.75 4.50
N THR A 28 17.63 2.69 4.55
CA THR A 28 16.76 2.82 5.70
C THR A 28 15.32 2.92 5.23
N PHE A 29 14.45 2.07 5.79
CA PHE A 29 13.04 2.04 5.44
C PHE A 29 12.15 2.47 6.60
N ARG A 30 11.26 3.42 6.33
CA ARG A 30 10.36 3.92 7.36
C ARG A 30 9.14 3.02 7.50
N VAL A 31 8.79 2.66 8.73
CA VAL A 31 7.60 1.86 8.97
C VAL A 31 6.85 2.50 10.13
N TYR A 32 5.52 2.41 10.09
CA TYR A 32 4.68 2.94 11.15
C TYR A 32 4.00 1.70 11.68
N LYS A 33 3.98 1.54 13.01
CA LYS A 33 3.43 0.32 13.58
C LYS A 33 2.37 0.50 14.65
N SER A 34 1.63 -0.59 14.90
CA SER A 34 0.60 -0.58 15.92
C SER A 34 0.21 -2.00 16.33
N GLY A 35 -0.21 -2.14 17.59
CA GLY A 35 -0.62 -3.43 18.10
C GLY A 35 0.48 -4.30 18.69
N SER A 36 0.10 -5.33 19.43
CA SER A 36 1.08 -6.23 20.03
C SER A 36 0.76 -7.70 19.76
N GLU A 37 -0.50 -8.01 19.49
CA GLU A 37 -0.90 -9.39 19.24
C GLU A 37 -1.65 -9.61 17.93
N GLY A 38 -1.73 -10.87 17.53
CA GLY A 38 -2.41 -11.20 16.29
C GLY A 38 -1.50 -11.07 15.10
N PRO A 39 -2.00 -11.37 13.90
CA PRO A 39 -1.21 -11.29 12.68
C PRO A 39 -0.78 -9.88 12.34
N VAL A 40 0.39 -9.79 11.73
CA VAL A 40 0.91 -8.50 11.29
C VAL A 40 0.36 -8.29 9.88
N LEU A 41 -0.32 -7.17 9.69
CA LEU A 41 -0.84 -6.81 8.37
C LEU A 41 0.23 -5.88 7.80
N LEU A 42 0.99 -6.37 6.82
CA LEU A 42 2.06 -5.60 6.19
C LEU A 42 1.44 -4.85 5.02
N LEU A 43 1.26 -3.54 5.20
CA LEU A 43 0.59 -2.70 4.21
C LEU A 43 1.52 -1.98 3.23
N LEU A 44 1.23 -2.16 1.94
CA LEU A 44 2.03 -1.55 0.88
C LEU A 44 1.17 -0.58 0.07
N HIS A 45 1.54 0.70 0.13
CA HIS A 45 0.85 1.78 -0.55
C HIS A 45 1.06 1.81 -2.07
N GLY A 46 0.30 2.68 -2.72
CA GLY A 46 0.39 2.82 -4.17
C GLY A 46 1.42 3.84 -4.61
N GLY A 47 1.59 3.95 -5.91
CA GLY A 47 2.56 4.88 -6.46
C GLY A 47 2.35 6.31 -6.03
N GLY A 48 3.42 6.97 -5.62
CA GLY A 48 3.34 8.37 -5.21
C GLY A 48 2.74 8.59 -3.85
N HIS A 49 2.31 7.52 -3.18
CA HIS A 49 1.73 7.65 -1.85
C HIS A 49 2.77 7.28 -0.78
N SER A 50 2.30 6.90 0.40
CA SER A 50 3.21 6.54 1.50
C SER A 50 2.44 5.66 2.48
N ALA A 51 3.15 5.18 3.51
CA ALA A 51 2.52 4.33 4.52
C ALA A 51 1.44 5.09 5.27
N LEU A 52 1.56 6.41 5.29
CA LEU A 52 0.56 7.23 6.00
C LEU A 52 -0.82 7.16 5.34
N SER A 53 -0.88 6.66 4.12
CA SER A 53 -2.16 6.51 3.42
C SER A 53 -3.00 5.44 4.13
N TRP A 54 -2.35 4.63 4.96
CA TRP A 54 -3.04 3.57 5.71
C TRP A 54 -3.41 3.97 7.14
N ALA A 55 -3.17 5.22 7.51
CA ALA A 55 -3.45 5.67 8.87
C ALA A 55 -4.89 5.44 9.35
N VAL A 56 -5.87 5.98 8.62
CA VAL A 56 -7.26 5.81 9.04
C VAL A 56 -7.71 4.35 8.98
N PHE A 57 -7.19 3.62 8.00
CA PHE A 57 -7.52 2.21 7.86
C PHE A 57 -7.05 1.44 9.08
N THR A 58 -5.86 1.79 9.55
CA THR A 58 -5.24 1.15 10.70
C THR A 58 -6.11 1.25 11.94
N ALA A 59 -6.63 2.44 12.22
CA ALA A 59 -7.49 2.64 13.38
C ALA A 59 -8.76 1.82 13.24
N ALA A 60 -9.29 1.80 12.03
CA ALA A 60 -10.51 1.05 11.74
C ALA A 60 -10.33 -0.46 11.91
N ILE A 61 -9.27 -1.03 11.34
CA ILE A 61 -9.08 -2.48 11.43
C ILE A 61 -8.72 -2.93 12.86
N ILE A 62 -7.92 -2.14 13.55
CA ILE A 62 -7.53 -2.44 14.93
C ILE A 62 -8.75 -2.54 15.83
N SER A 63 -9.79 -1.78 15.51
CA SER A 63 -11.00 -1.78 16.33
C SER A 63 -11.93 -2.95 16.00
N ARG A 64 -11.60 -3.71 14.96
CA ARG A 64 -12.44 -4.83 14.56
C ARG A 64 -11.83 -6.20 14.86
N VAL A 65 -10.52 -6.32 14.71
CA VAL A 65 -9.84 -7.59 14.97
C VAL A 65 -8.56 -7.37 15.74
N GLN A 66 -8.14 -8.39 16.49
CA GLN A 66 -6.90 -8.32 17.26
C GLN A 66 -5.79 -8.54 16.26
N CYS A 67 -5.00 -7.51 16.00
CA CYS A 67 -3.92 -7.63 15.03
C CYS A 67 -2.86 -6.56 15.22
N ARG A 68 -1.80 -6.68 14.43
CA ARG A 68 -0.69 -5.73 14.45
C ARG A 68 -0.63 -5.13 13.06
N ILE A 69 -0.02 -3.96 12.95
CA ILE A 69 0.11 -3.28 11.67
C ILE A 69 1.54 -2.82 11.45
N VAL A 70 2.01 -3.02 10.23
CA VAL A 70 3.31 -2.52 9.84
C VAL A 70 3.08 -1.90 8.46
N ALA A 71 3.00 -0.57 8.42
CA ALA A 71 2.79 0.17 7.17
C ALA A 71 4.17 0.64 6.71
N LEU A 72 4.58 0.18 5.53
CA LEU A 72 5.89 0.48 4.97
C LEU A 72 5.99 1.52 3.85
N ASP A 73 6.93 2.45 4.00
CA ASP A 73 7.18 3.46 2.95
C ASP A 73 8.09 2.72 1.98
N LEU A 74 7.61 2.47 0.78
CA LEU A 74 8.42 1.77 -0.20
C LEU A 74 9.56 2.65 -0.71
N ARG A 75 10.51 2.02 -1.40
CA ARG A 75 11.65 2.71 -1.97
C ARG A 75 11.22 4.00 -2.67
N SER A 76 11.95 5.08 -2.41
CA SER A 76 11.70 6.40 -3.01
C SER A 76 10.38 7.05 -2.63
N HIS A 77 9.74 6.55 -1.58
CA HIS A 77 8.47 7.12 -1.14
C HIS A 77 8.55 7.47 0.35
N GLY A 78 7.69 8.39 0.77
CA GLY A 78 7.67 8.79 2.17
C GLY A 78 9.04 9.15 2.73
N GLU A 79 9.35 8.61 3.91
CA GLU A 79 10.61 8.90 4.58
C GLU A 79 11.70 7.83 4.38
N THR A 80 11.46 6.90 3.47
CA THR A 80 12.45 5.85 3.21
C THR A 80 13.63 6.43 2.41
N LYS A 81 14.84 6.04 2.78
CA LYS A 81 16.06 6.53 2.12
C LYS A 81 16.94 5.40 1.60
N VAL A 82 16.97 5.21 0.29
CA VAL A 82 17.79 4.17 -0.32
C VAL A 82 18.93 4.81 -1.11
N LYS A 83 19.97 4.04 -1.38
CA LYS A 83 21.11 4.57 -2.12
C LYS A 83 20.82 4.72 -3.61
N ASN A 84 19.97 3.84 -4.15
CA ASN A 84 19.63 3.91 -5.57
C ASN A 84 18.12 4.07 -5.74
N PRO A 85 17.62 5.28 -5.49
CA PRO A 85 16.20 5.63 -5.57
C PRO A 85 15.55 5.55 -6.96
N GLU A 86 16.37 5.38 -8.00
CA GLU A 86 15.84 5.31 -9.36
C GLU A 86 15.32 3.92 -9.71
N ASP A 87 15.86 2.90 -9.05
CA ASP A 87 15.47 1.52 -9.31
C ASP A 87 14.16 1.08 -8.66
N LEU A 88 13.05 1.24 -9.37
CA LEU A 88 11.76 0.82 -8.83
C LEU A 88 11.23 -0.42 -9.54
N SER A 89 12.14 -1.32 -9.91
CA SER A 89 11.77 -2.57 -10.58
C SER A 89 11.00 -3.43 -9.58
N ALA A 90 10.09 -4.27 -10.07
CA ALA A 90 9.32 -5.13 -9.18
C ALA A 90 10.28 -5.97 -8.34
N GLU A 91 11.31 -6.51 -9.01
CA GLU A 91 12.30 -7.34 -8.38
C GLU A 91 12.95 -6.67 -7.15
N THR A 92 13.46 -5.45 -7.36
CA THR A 92 14.12 -4.73 -6.28
C THR A 92 13.18 -4.37 -5.14
N MET A 93 11.98 -3.88 -5.48
CA MET A 93 11.01 -3.49 -4.47
C MET A 93 10.55 -4.69 -3.65
N ALA A 94 10.34 -5.85 -4.30
CA ALA A 94 9.90 -7.03 -3.56
C ALA A 94 11.02 -7.45 -2.60
N LYS A 95 12.26 -7.38 -3.08
CA LYS A 95 13.43 -7.73 -2.28
C LYS A 95 13.48 -6.83 -1.05
N ASP A 96 13.18 -5.54 -1.24
CA ASP A 96 13.15 -4.59 -0.13
C ASP A 96 12.19 -5.06 0.96
N VAL A 97 10.97 -5.40 0.57
CA VAL A 97 9.97 -5.87 1.52
C VAL A 97 10.51 -7.08 2.31
N GLY A 98 11.09 -8.05 1.61
CA GLY A 98 11.63 -9.21 2.29
C GLY A 98 12.75 -8.82 3.24
N ASN A 99 13.64 -7.95 2.78
CA ASN A 99 14.75 -7.48 3.60
C ASN A 99 14.27 -6.75 4.84
N VAL A 100 13.21 -5.97 4.70
CA VAL A 100 12.68 -5.25 5.84
C VAL A 100 12.15 -6.21 6.90
N VAL A 101 11.37 -7.20 6.48
CA VAL A 101 10.81 -8.17 7.42
C VAL A 101 11.95 -8.91 8.12
N GLU A 102 12.98 -9.26 7.36
CA GLU A 102 14.13 -9.96 7.91
C GLU A 102 14.82 -9.12 8.98
N ALA A 103 15.02 -7.84 8.69
CA ALA A 103 15.67 -6.95 9.64
C ALA A 103 14.83 -6.68 10.88
N MET A 104 13.52 -6.58 10.70
CA MET A 104 12.64 -6.28 11.82
C MET A 104 12.46 -7.42 12.80
N TYR A 105 12.43 -8.66 12.32
CA TYR A 105 12.18 -9.81 13.19
C TYR A 105 13.24 -10.91 13.20
N GLY A 106 14.20 -10.82 12.30
CA GLY A 106 15.24 -11.84 12.26
C GLY A 106 14.68 -13.22 11.96
N ASP A 107 15.00 -14.18 12.81
CA ASP A 107 14.56 -15.56 12.62
C ASP A 107 13.21 -15.90 13.27
N LEU A 108 12.61 -14.93 13.96
CA LEU A 108 11.33 -15.19 14.59
C LEU A 108 10.25 -14.18 14.17
N PRO A 109 9.82 -14.26 12.91
CA PRO A 109 8.79 -13.34 12.41
C PRO A 109 7.38 -13.77 12.81
N PRO A 110 6.48 -12.80 12.99
CA PRO A 110 5.09 -13.11 13.36
C PRO A 110 4.34 -13.52 12.09
N PRO A 111 3.12 -14.06 12.23
CA PRO A 111 2.38 -14.44 11.03
C PRO A 111 2.13 -13.13 10.29
N ILE A 112 2.22 -13.14 8.97
CA ILE A 112 2.03 -11.92 8.21
C ILE A 112 1.05 -12.02 7.05
N MET A 113 0.21 -10.99 6.90
CA MET A 113 -0.71 -10.93 5.78
C MET A 113 -0.33 -9.72 4.95
N LEU A 114 0.05 -9.94 3.70
CA LEU A 114 0.40 -8.82 2.83
C LEU A 114 -0.87 -8.18 2.29
N ILE A 115 -0.90 -6.85 2.28
CA ILE A 115 -2.03 -6.09 1.74
C ILE A 115 -1.47 -4.93 0.93
N GLY A 116 -1.80 -4.88 -0.36
CA GLY A 116 -1.24 -3.82 -1.18
C GLY A 116 -2.21 -3.14 -2.11
N HIS A 117 -2.02 -1.84 -2.32
CA HIS A 117 -2.87 -1.07 -3.21
C HIS A 117 -2.10 -0.70 -4.48
N SER A 118 -2.71 -0.96 -5.63
CA SER A 118 -2.10 -0.64 -6.92
C SER A 118 -0.64 -1.10 -7.02
N MET A 119 0.30 -0.16 -7.18
CA MET A 119 1.71 -0.52 -7.26
C MET A 119 2.08 -1.44 -6.09
N GLY A 120 1.57 -1.10 -4.91
CA GLY A 120 1.83 -1.90 -3.71
C GLY A 120 1.23 -3.28 -3.81
N GLY A 121 0.11 -3.39 -4.52
CA GLY A 121 -0.52 -4.69 -4.69
C GLY A 121 0.37 -5.56 -5.56
N ALA A 122 0.90 -4.98 -6.63
CA ALA A 122 1.80 -5.74 -7.50
C ALA A 122 3.05 -6.17 -6.72
N ILE A 123 3.61 -5.26 -5.92
CA ILE A 123 4.81 -5.59 -5.15
C ILE A 123 4.49 -6.68 -4.14
N ALA A 124 3.29 -6.61 -3.57
CA ALA A 124 2.86 -7.61 -2.61
C ALA A 124 2.88 -9.01 -3.24
N VAL A 125 2.37 -9.11 -4.48
CA VAL A 125 2.33 -10.39 -5.17
C VAL A 125 3.73 -10.89 -5.54
N HIS A 126 4.57 -10.00 -6.04
CA HIS A 126 5.92 -10.38 -6.40
C HIS A 126 6.66 -10.90 -5.16
N THR A 127 6.40 -10.28 -4.02
CA THR A 127 7.01 -10.68 -2.76
C THR A 127 6.53 -12.07 -2.33
N ALA A 128 5.22 -12.28 -2.32
CA ALA A 128 4.63 -13.56 -1.96
C ALA A 128 5.06 -14.66 -2.92
N SER A 129 5.05 -14.33 -4.22
CA SER A 129 5.41 -15.27 -5.26
C SER A 129 6.86 -15.74 -5.16
N SER A 130 7.76 -14.84 -4.77
CA SER A 130 9.16 -15.19 -4.65
C SER A 130 9.47 -15.76 -3.27
N ASN A 131 8.43 -15.96 -2.47
CA ASN A 131 8.56 -16.52 -1.13
C ASN A 131 9.62 -15.79 -0.30
N LEU A 132 9.57 -14.46 -0.34
CA LEU A 132 10.51 -13.64 0.41
C LEU A 132 10.11 -13.42 1.86
N VAL A 133 8.85 -13.72 2.18
CA VAL A 133 8.35 -13.57 3.55
C VAL A 133 7.88 -14.95 4.02
N PRO A 134 8.77 -15.68 4.69
CA PRO A 134 8.54 -17.03 5.22
C PRO A 134 7.24 -17.25 5.99
N SER A 135 6.88 -16.30 6.84
CA SER A 135 5.66 -16.43 7.66
C SER A 135 4.37 -15.93 7.02
N LEU A 136 4.39 -15.69 5.72
CA LEU A 136 3.20 -15.19 5.02
C LEU A 136 2.02 -16.16 5.13
N LEU A 137 0.88 -15.68 5.59
CA LEU A 137 -0.30 -16.54 5.69
C LEU A 137 -1.46 -16.11 4.81
N GLY A 138 -1.33 -14.94 4.17
CA GLY A 138 -2.42 -14.46 3.32
C GLY A 138 -1.98 -13.31 2.43
N LEU A 139 -2.71 -13.07 1.35
CA LEU A 139 -2.34 -12.02 0.42
C LEU A 139 -3.55 -11.27 -0.10
N CYS A 140 -3.50 -9.93 -0.08
CA CYS A 140 -4.62 -9.13 -0.57
C CYS A 140 -4.16 -8.03 -1.52
N MET A 141 -4.85 -7.89 -2.65
CA MET A 141 -4.56 -6.85 -3.63
C MET A 141 -5.78 -5.95 -3.68
N ILE A 142 -5.57 -4.63 -3.67
CA ILE A 142 -6.69 -3.72 -3.74
C ILE A 142 -6.68 -2.95 -5.06
N ASP A 143 -7.75 -3.10 -5.84
CA ASP A 143 -7.87 -2.44 -7.12
C ASP A 143 -6.71 -2.65 -8.08
N VAL A 144 -6.23 -3.88 -8.16
CA VAL A 144 -5.13 -4.21 -9.06
C VAL A 144 -5.57 -5.35 -9.98
N VAL A 145 -5.74 -5.05 -11.26
CA VAL A 145 -6.12 -6.08 -12.22
C VAL A 145 -5.21 -5.92 -13.42
N GLU A 146 -4.32 -6.89 -13.60
CA GLU A 146 -3.34 -6.88 -14.70
C GLU A 146 -3.90 -6.40 -16.02
N GLY A 147 -5.00 -7.01 -16.45
CA GLY A 147 -5.60 -6.66 -17.72
C GLY A 147 -5.76 -5.18 -18.00
N THR A 148 -6.13 -4.40 -16.99
CA THR A 148 -6.35 -2.96 -17.16
C THR A 148 -5.38 -2.09 -16.37
N ALA A 149 -4.41 -2.70 -15.70
CA ALA A 149 -3.45 -1.96 -14.88
C ALA A 149 -2.76 -0.81 -15.60
N MET A 150 -2.19 -1.08 -16.78
CA MET A 150 -1.50 -0.02 -17.53
C MET A 150 -2.45 1.13 -17.86
N ASP A 151 -3.66 0.80 -18.29
CA ASP A 151 -4.63 1.83 -18.63
C ASP A 151 -5.04 2.64 -17.41
N ALA A 152 -5.12 1.97 -16.26
CA ALA A 152 -5.47 2.68 -15.04
C ALA A 152 -4.37 3.72 -14.72
N LEU A 153 -3.11 3.31 -14.83
CA LEU A 153 -2.01 4.23 -14.55
C LEU A 153 -1.89 5.37 -15.55
N ASN A 154 -2.15 5.06 -16.82
CA ASN A 154 -2.06 6.10 -17.85
C ASN A 154 -3.17 7.14 -17.68
N SER A 155 -4.37 6.70 -17.29
CA SER A 155 -5.46 7.65 -17.09
C SER A 155 -5.09 8.64 -15.99
N MET A 156 -4.26 8.19 -15.05
CA MET A 156 -3.84 9.02 -13.93
C MET A 156 -2.80 10.09 -14.29
N GLN A 157 -1.89 9.76 -15.18
CA GLN A 157 -0.83 10.69 -15.58
C GLN A 157 -1.30 12.07 -15.99
N ASN A 158 -2.43 12.16 -16.67
CA ASN A 158 -2.96 13.44 -17.10
C ASN A 158 -3.24 14.30 -15.86
N PHE A 159 -3.87 13.71 -14.86
CA PHE A 159 -4.17 14.41 -13.61
C PHE A 159 -2.86 14.77 -12.91
N LEU A 160 -1.97 13.80 -12.80
CA LEU A 160 -0.70 14.03 -12.12
C LEU A 160 0.08 15.18 -12.72
N ARG A 161 0.18 15.23 -14.05
CA ARG A 161 0.92 16.31 -14.68
C ARG A 161 0.29 17.69 -14.47
N GLY A 162 -1.02 17.74 -14.31
CA GLY A 162 -1.70 19.01 -14.11
C GLY A 162 -1.74 19.55 -12.69
N ARG A 163 -1.29 18.77 -11.72
CA ARG A 163 -1.31 19.20 -10.32
C ARG A 163 -0.37 20.38 -10.06
N PRO A 164 -0.58 21.09 -8.95
CA PRO A 164 0.31 22.22 -8.64
C PRO A 164 1.71 21.63 -8.50
N LYS A 165 2.74 22.42 -8.81
CA LYS A 165 4.11 21.92 -8.69
C LYS A 165 4.68 22.11 -7.30
N THR A 166 4.11 23.03 -6.53
CA THR A 166 4.56 23.31 -5.16
C THR A 166 3.39 23.82 -4.34
N PHE A 167 3.55 23.80 -3.02
CA PHE A 167 2.52 24.29 -2.11
C PHE A 167 3.22 25.18 -1.09
N LYS A 168 2.55 26.25 -0.70
CA LYS A 168 3.12 27.18 0.26
C LYS A 168 3.32 26.52 1.61
N SER A 169 2.36 25.68 2.00
CA SER A 169 2.44 24.99 3.28
C SER A 169 1.84 23.61 3.17
N LEU A 170 2.01 22.83 4.23
CA LEU A 170 1.47 21.48 4.27
C LEU A 170 -0.05 21.58 4.33
N GLU A 171 -0.54 22.59 5.06
CA GLU A 171 -1.97 22.78 5.18
C GLU A 171 -2.61 23.07 3.83
N ASN A 172 -1.91 23.82 2.98
CA ASN A 172 -2.48 24.14 1.67
C ASN A 172 -2.48 22.92 0.77
N ALA A 173 -1.47 22.06 0.93
CA ALA A 173 -1.40 20.83 0.11
C ALA A 173 -2.58 19.95 0.49
N ILE A 174 -2.86 19.88 1.79
CA ILE A 174 -3.97 19.08 2.27
C ILE A 174 -5.29 19.66 1.76
N GLU A 175 -5.43 20.98 1.85
CA GLU A 175 -6.67 21.60 1.39
C GLU A 175 -6.84 21.34 -0.10
N TRP A 176 -5.76 21.45 -0.86
CA TRP A 176 -5.83 21.22 -2.30
C TRP A 176 -6.21 19.76 -2.59
N SER A 177 -5.58 18.83 -1.87
CA SER A 177 -5.84 17.40 -2.11
C SER A 177 -7.31 17.05 -1.93
N VAL A 178 -8.00 17.77 -1.04
CA VAL A 178 -9.40 17.52 -0.80
C VAL A 178 -10.29 18.26 -1.81
N LYS A 179 -10.04 19.55 -1.98
CA LYS A 179 -10.87 20.33 -2.89
C LYS A 179 -10.71 19.95 -4.36
N SER A 180 -9.57 19.37 -4.70
CA SER A 180 -9.31 18.94 -6.08
C SER A 180 -10.05 17.64 -6.34
N GLY A 181 -10.42 16.94 -5.26
CA GLY A 181 -11.10 15.68 -5.41
C GLY A 181 -10.16 14.49 -5.32
N GLN A 182 -8.87 14.75 -5.08
CA GLN A 182 -7.91 13.65 -5.01
C GLN A 182 -8.18 12.76 -3.79
N ILE A 183 -8.38 13.38 -2.64
CA ILE A 183 -8.67 12.64 -1.41
C ILE A 183 -9.99 13.18 -0.85
N ARG A 184 -11.06 12.41 -1.01
CA ARG A 184 -12.38 12.81 -0.56
C ARG A 184 -12.50 12.89 0.96
N ASN A 185 -11.87 11.94 1.64
CA ASN A 185 -11.92 11.85 3.08
C ASN A 185 -10.95 12.83 3.75
N LEU A 186 -11.51 13.92 4.26
CA LEU A 186 -10.69 14.95 4.92
C LEU A 186 -9.80 14.35 6.01
N GLU A 187 -10.36 13.45 6.82
CA GLU A 187 -9.59 12.85 7.91
C GLU A 187 -8.32 12.20 7.39
N SER A 188 -8.46 11.38 6.34
CA SER A 188 -7.31 10.71 5.78
C SER A 188 -6.32 11.71 5.17
N ALA A 189 -6.84 12.69 4.45
CA ALA A 189 -5.96 13.70 3.83
C ALA A 189 -5.06 14.43 4.82
N ARG A 190 -5.60 14.81 5.97
CA ARG A 190 -4.81 15.54 6.96
C ARG A 190 -3.57 14.80 7.43
N VAL A 191 -3.65 13.47 7.46
CA VAL A 191 -2.52 12.67 7.90
C VAL A 191 -1.70 12.09 6.74
N SER A 192 -2.35 11.67 5.67
CA SER A 192 -1.61 11.06 4.55
C SER A 192 -0.83 12.00 3.65
N MET A 193 -1.34 13.22 3.44
CA MET A 193 -0.63 14.14 2.55
C MET A 193 0.81 14.45 2.93
N VAL A 194 1.12 14.42 4.22
CA VAL A 194 2.50 14.71 4.61
C VAL A 194 3.43 13.66 4.00
N GLY A 195 2.90 12.47 3.72
CA GLY A 195 3.72 11.42 3.12
C GLY A 195 3.89 11.56 1.61
N GLN A 196 3.01 12.34 0.98
CA GLN A 196 3.11 12.53 -0.46
C GLN A 196 4.00 13.69 -0.87
N VAL A 197 4.28 14.59 0.07
CA VAL A 197 5.11 15.75 -0.23
C VAL A 197 6.40 15.81 0.61
N LYS A 198 7.26 16.76 0.24
CA LYS A 198 8.52 16.98 0.93
C LYS A 198 8.88 18.45 0.74
N GLN A 199 9.71 18.99 1.62
CA GLN A 199 10.11 20.38 1.50
C GLN A 199 11.03 20.55 0.29
N CYS A 200 10.77 21.59 -0.50
CA CYS A 200 11.56 21.87 -1.69
C CYS A 200 13.06 21.97 -1.40
N GLU A 201 13.85 21.31 -2.26
CA GLU A 201 15.30 21.32 -2.12
C GLU A 201 15.75 20.64 -0.83
N PRO A 214 8.36 25.73 1.53
CA PRO A 214 7.36 25.27 0.55
C PRO A 214 7.55 23.79 0.25
N TYR A 215 6.44 23.12 -0.10
CA TYR A 215 6.49 21.70 -0.40
C TYR A 215 6.29 21.35 -1.86
N THR A 216 6.81 20.18 -2.23
CA THR A 216 6.66 19.69 -3.59
C THR A 216 6.44 18.18 -3.46
N TRP A 217 6.09 17.54 -4.58
CA TRP A 217 5.83 16.10 -4.56
C TRP A 217 7.06 15.26 -4.25
N ARG A 218 6.89 14.29 -3.38
CA ARG A 218 7.99 13.41 -3.01
C ARG A 218 8.58 12.69 -4.22
N ILE A 219 7.75 12.32 -5.17
CA ILE A 219 8.22 11.61 -6.35
C ILE A 219 7.39 11.93 -7.61
N GLU A 220 8.06 11.90 -8.76
CA GLU A 220 7.37 12.13 -10.04
C GLU A 220 7.14 10.71 -10.55
N LEU A 221 5.92 10.22 -10.40
CA LEU A 221 5.59 8.86 -10.82
C LEU A 221 5.88 8.58 -12.30
N ALA A 222 5.79 9.60 -13.14
CA ALA A 222 6.02 9.42 -14.57
C ALA A 222 7.39 8.83 -14.88
N LYS A 223 8.36 9.08 -13.99
CA LYS A 223 9.72 8.58 -14.18
C LYS A 223 9.86 7.08 -13.91
N THR A 224 8.80 6.46 -13.40
CA THR A 224 8.84 5.04 -13.09
C THR A 224 8.15 4.20 -14.16
N GLU A 225 7.64 4.85 -15.20
CA GLU A 225 6.93 4.16 -16.26
C GLU A 225 7.70 2.97 -16.86
N LYS A 226 9.04 3.10 -16.94
CA LYS A 226 9.86 2.04 -17.50
C LYS A 226 9.76 0.75 -16.69
N TYR A 227 9.23 0.84 -15.47
CA TYR A 227 9.09 -0.32 -14.60
C TYR A 227 7.68 -0.91 -14.52
N TRP A 228 6.69 -0.20 -15.07
CA TRP A 228 5.31 -0.67 -15.01
C TRP A 228 5.10 -2.05 -15.62
N ASP A 229 5.74 -2.32 -16.75
CA ASP A 229 5.59 -3.63 -17.38
C ASP A 229 6.04 -4.74 -16.43
N GLY A 230 7.12 -4.48 -15.70
CA GLY A 230 7.62 -5.49 -14.77
C GLY A 230 6.67 -5.68 -13.60
N TRP A 231 6.01 -4.60 -13.21
CA TRP A 231 5.07 -4.68 -12.08
C TRP A 231 3.88 -5.55 -12.43
N PHE A 232 3.30 -5.33 -13.61
CA PHE A 232 2.08 -6.03 -13.98
C PHE A 232 2.08 -7.24 -14.91
N ARG A 233 3.13 -7.40 -15.71
CA ARG A 233 3.14 -8.53 -16.65
C ARG A 233 2.99 -9.89 -15.97
N GLY A 234 1.90 -10.59 -16.27
CA GLY A 234 1.65 -11.90 -15.69
C GLY A 234 1.21 -11.86 -14.24
N LEU A 235 0.91 -10.66 -13.74
CA LEU A 235 0.52 -10.50 -12.34
C LEU A 235 -0.71 -11.30 -11.91
N SER A 236 -1.73 -11.36 -12.77
CA SER A 236 -2.93 -12.10 -12.39
C SER A 236 -2.64 -13.57 -12.11
N ASN A 237 -1.96 -14.24 -13.04
CA ASN A 237 -1.64 -15.65 -12.83
C ASN A 237 -0.61 -15.82 -11.72
N LEU A 238 0.24 -14.82 -11.53
CA LEU A 238 1.25 -14.86 -10.48
C LEU A 238 0.53 -14.87 -9.13
N PHE A 239 -0.48 -14.00 -9.02
CA PHE A 239 -1.32 -13.86 -7.83
C PHE A 239 -2.00 -15.21 -7.53
N LEU A 240 -2.67 -15.76 -8.54
CA LEU A 240 -3.37 -17.03 -8.41
C LEU A 240 -2.49 -18.20 -7.96
N SER A 241 -1.23 -18.19 -8.39
CA SER A 241 -0.31 -19.27 -8.05
C SER A 241 0.22 -19.25 -6.62
N CYS A 242 0.16 -18.11 -5.94
CA CYS A 242 0.65 -18.04 -4.56
C CYS A 242 -0.12 -19.02 -3.67
N PRO A 243 0.60 -19.94 -3.01
CA PRO A 243 -0.01 -20.96 -2.14
C PRO A 243 -0.51 -20.52 -0.76
N ILE A 244 -1.32 -19.47 -0.74
CA ILE A 244 -1.89 -18.94 0.51
C ILE A 244 -3.27 -18.38 0.17
N PRO A 245 -4.16 -18.27 1.18
CA PRO A 245 -5.50 -17.72 0.92
C PRO A 245 -5.32 -16.30 0.37
N LYS A 246 -6.18 -15.91 -0.57
CA LYS A 246 -6.06 -14.60 -1.20
C LYS A 246 -7.34 -13.79 -1.22
N LEU A 247 -7.18 -12.46 -1.23
CA LEU A 247 -8.32 -11.56 -1.25
C LEU A 247 -8.14 -10.48 -2.30
N LEU A 248 -9.16 -10.28 -3.13
CA LEU A 248 -9.10 -9.21 -4.12
C LEU A 248 -10.24 -8.26 -3.80
N LEU A 249 -9.92 -6.98 -3.61
CA LEU A 249 -10.93 -5.97 -3.33
C LEU A 249 -11.03 -5.04 -4.53
N LEU A 250 -12.25 -4.91 -5.06
CA LEU A 250 -12.47 -4.03 -6.21
C LEU A 250 -13.23 -2.80 -5.74
N ALA A 251 -12.80 -1.63 -6.24
CA ALA A 251 -13.44 -0.37 -5.90
C ALA A 251 -13.48 0.48 -7.17
N GLY A 252 -12.33 1.05 -7.52
CA GLY A 252 -12.25 1.85 -8.74
C GLY A 252 -12.27 0.97 -9.97
N VAL A 253 -11.70 -0.24 -9.87
CA VAL A 253 -11.68 -1.17 -10.98
C VAL A 253 -13.03 -1.89 -10.99
N ASP A 254 -13.71 -1.83 -12.12
CA ASP A 254 -15.04 -2.43 -12.24
C ASP A 254 -15.11 -3.83 -12.85
N ARG A 255 -13.98 -4.39 -13.27
CA ARG A 255 -14.01 -5.72 -13.86
C ARG A 255 -12.75 -6.54 -13.63
N LEU A 256 -12.91 -7.86 -13.65
CA LEU A 256 -11.77 -8.77 -13.52
C LEU A 256 -11.29 -8.96 -14.95
N ASP A 257 -10.08 -9.46 -15.13
CA ASP A 257 -9.60 -9.70 -16.48
C ASP A 257 -9.92 -11.17 -16.75
N LYS A 258 -9.55 -11.67 -17.92
CA LYS A 258 -9.83 -13.07 -18.24
C LYS A 258 -9.16 -14.03 -17.27
N ASP A 259 -7.90 -13.78 -16.92
CA ASP A 259 -7.19 -14.67 -16.00
C ASP A 259 -7.86 -14.81 -14.63
N LEU A 260 -8.26 -13.69 -14.04
CA LEU A 260 -8.89 -13.70 -12.72
C LEU A 260 -10.30 -14.25 -12.78
N THR A 261 -10.99 -14.02 -13.87
CA THR A 261 -12.35 -14.53 -14.02
C THR A 261 -12.27 -16.05 -13.94
N ILE A 262 -11.31 -16.62 -14.65
CA ILE A 262 -11.09 -18.08 -14.66
C ILE A 262 -10.71 -18.54 -13.25
N GLY A 263 -9.79 -17.81 -12.63
CA GLY A 263 -9.38 -18.17 -11.28
C GLY A 263 -10.54 -18.12 -10.30
N GLN A 264 -11.42 -17.12 -10.48
CA GLN A 264 -12.58 -16.99 -9.60
C GLN A 264 -13.51 -18.19 -9.78
N MET A 265 -13.71 -18.62 -11.02
CA MET A 265 -14.58 -19.77 -11.29
C MET A 265 -14.00 -21.02 -10.65
N GLN A 266 -12.68 -21.02 -10.48
CA GLN A 266 -11.98 -22.14 -9.87
C GLN A 266 -11.91 -21.98 -8.35
N GLY A 267 -12.49 -20.91 -7.83
CA GLY A 267 -12.49 -20.66 -6.40
C GLY A 267 -11.13 -20.45 -5.76
N LYS A 268 -10.22 -19.81 -6.49
CA LYS A 268 -8.87 -19.59 -6.00
C LYS A 268 -8.64 -18.37 -5.13
N PHE A 269 -9.64 -17.51 -5.00
CA PHE A 269 -9.48 -16.33 -4.16
C PHE A 269 -10.83 -15.71 -3.79
N GLN A 270 -10.88 -15.05 -2.64
CA GLN A 270 -12.10 -14.39 -2.21
C GLN A 270 -12.09 -13.04 -2.87
N MET A 271 -13.28 -12.54 -3.17
CA MET A 271 -13.41 -11.26 -3.84
C MET A 271 -14.52 -10.46 -3.20
N GLN A 272 -14.36 -9.14 -3.13
CA GLN A 272 -15.37 -8.28 -2.56
C GLN A 272 -15.41 -6.98 -3.33
N VAL A 273 -16.60 -6.45 -3.52
CA VAL A 273 -16.78 -5.21 -4.25
C VAL A 273 -17.10 -4.10 -3.26
N LEU A 274 -16.32 -3.03 -3.29
CA LEU A 274 -16.51 -1.87 -2.41
C LEU A 274 -16.98 -0.67 -3.24
N PRO A 275 -17.42 0.42 -2.59
CA PRO A 275 -17.88 1.63 -3.29
C PRO A 275 -16.80 2.24 -4.19
N GLN A 276 -17.18 2.70 -5.36
CA GLN A 276 -16.22 3.28 -6.30
C GLN A 276 -15.36 4.42 -5.78
N CYS A 277 -14.09 4.38 -6.18
CA CYS A 277 -13.11 5.39 -5.80
C CYS A 277 -12.03 5.38 -6.89
N GLY A 278 -11.84 6.53 -7.51
CA GLY A 278 -10.87 6.62 -8.58
C GLY A 278 -9.43 6.56 -8.09
N HIS A 279 -9.23 6.89 -6.82
CA HIS A 279 -7.89 6.89 -6.24
C HIS A 279 -7.64 5.74 -5.27
N ALA A 280 -7.56 6.07 -3.98
CA ALA A 280 -7.31 5.08 -2.94
C ALA A 280 -8.54 4.85 -2.08
N VAL A 281 -9.20 3.71 -2.27
CA VAL A 281 -10.37 3.40 -1.48
C VAL A 281 -10.02 3.24 0.01
N HIS A 282 -8.77 2.87 0.32
CA HIS A 282 -8.38 2.72 1.72
C HIS A 282 -8.29 4.08 2.42
N GLU A 283 -8.18 5.16 1.64
CA GLU A 283 -8.16 6.50 2.21
C GLU A 283 -9.60 7.06 2.21
N ASP A 284 -10.32 6.84 1.11
CA ASP A 284 -11.67 7.36 0.99
C ASP A 284 -12.72 6.65 1.85
N ALA A 285 -12.62 5.33 1.97
CA ALA A 285 -13.58 4.55 2.77
C ALA A 285 -12.80 3.54 3.62
N PRO A 286 -11.98 4.04 4.55
CA PRO A 286 -11.15 3.23 5.44
C PRO A 286 -11.87 2.09 6.15
N ASP A 287 -13.05 2.35 6.70
CA ASP A 287 -13.76 1.29 7.41
C ASP A 287 -14.37 0.23 6.52
N LYS A 288 -14.67 0.58 5.28
CA LYS A 288 -15.23 -0.42 4.36
C LYS A 288 -14.11 -1.38 4.00
N VAL A 289 -12.90 -0.86 3.86
CA VAL A 289 -11.77 -1.72 3.53
C VAL A 289 -11.47 -2.58 4.77
N ALA A 290 -11.47 -1.95 5.95
CA ALA A 290 -11.20 -2.68 7.20
C ALA A 290 -12.23 -3.79 7.40
N GLU A 291 -13.50 -3.48 7.12
CA GLU A 291 -14.55 -4.47 7.29
C GLU A 291 -14.28 -5.69 6.39
N ALA A 292 -13.95 -5.43 5.13
CA ALA A 292 -13.66 -6.52 4.20
C ALA A 292 -12.44 -7.34 4.64
N VAL A 293 -11.38 -6.65 5.07
CA VAL A 293 -10.18 -7.36 5.53
C VAL A 293 -10.48 -8.16 6.78
N ALA A 294 -11.18 -7.56 7.74
CA ALA A 294 -11.53 -8.25 8.98
C ALA A 294 -12.32 -9.54 8.71
N THR A 295 -13.31 -9.45 7.82
CA THR A 295 -14.13 -10.60 7.47
C THR A 295 -13.27 -11.73 6.93
N PHE A 296 -12.33 -11.38 6.06
CA PHE A 296 -11.42 -12.35 5.46
C PHE A 296 -10.54 -13.00 6.52
N LEU A 297 -9.97 -12.17 7.39
CA LEU A 297 -9.11 -12.66 8.46
C LEU A 297 -9.84 -13.65 9.37
N ILE A 298 -11.07 -13.28 9.74
CA ILE A 298 -11.88 -14.13 10.60
C ILE A 298 -12.28 -15.40 9.88
N ARG A 299 -12.65 -15.26 8.61
CA ARG A 299 -13.05 -16.39 7.78
C ARG A 299 -11.99 -17.50 7.78
N HIS A 300 -10.73 -17.11 7.67
CA HIS A 300 -9.63 -18.06 7.63
C HIS A 300 -9.00 -18.29 8.98
N ARG A 301 -9.64 -17.78 10.03
CA ARG A 301 -9.16 -17.93 11.41
C ARG A 301 -7.76 -17.36 11.64
N PHE A 302 -7.41 -16.32 10.89
CA PHE A 302 -6.11 -15.68 11.05
C PHE A 302 -6.11 -14.71 12.23
N ALA A 303 -7.28 -14.20 12.59
CA ALA A 303 -7.37 -13.27 13.71
C ALA A 303 -8.69 -13.39 14.44
N GLU A 304 -8.68 -12.95 15.69
CA GLU A 304 -9.87 -12.98 16.54
C GLU A 304 -10.58 -11.64 16.48
N PRO A 305 -11.92 -11.65 16.42
CA PRO A 305 -12.70 -10.42 16.38
C PRO A 305 -12.48 -9.72 17.71
N ILE A 306 -12.55 -8.39 17.73
CA ILE A 306 -12.37 -7.67 18.98
C ILE A 306 -13.60 -7.90 19.84
#